data_1MVM
#
_entry.id   1MVM
#
_cell.length_a   448.700
_cell.length_b   416.700
_cell.length_c   305.300
_cell.angle_alpha   90.00
_cell.angle_beta   95.80
_cell.angle_gamma   90.00
#
_symmetry.space_group_name_H-M   'C 1 2 1'
#
loop_
_entity.id
_entity.type
_entity.pdbx_description
1 polymer 'PROTEIN (MURINE MINUTE VIRUS COAT PROTEIN)'
2 polymer "DNA (5'-D(*CP*CP*AP*CP*CP*CP*CP*AP*AP*CP*A)-3')"
3 polymer "DNA (5'-D(*CP*AP*AP*A)-3')"
4 polymer "DNA (5'-D(P*A)-3')"
#
loop_
_entity_poly.entity_id
_entity_poly.type
_entity_poly.pdbx_seq_one_letter_code
_entity_poly.pdbx_strand_id
1 'polypeptide(L)'
;MSDGTSQPDGGNAVHSAARVERAADGPGGSGGGGSGGGGVGVSTGSYDNQTHYRFLGDGWVEITALATRLVHLNMPKSEN
YCRIRVHNTTDTSVKGNMAKDDAHEQIWTPWSLVDANAWGVWLQPSDWQYICNTMSQLNLVSLDQEIFNVVLKTVTEQDS
GGQAIKIYNNDLTACMMVAVDSNNILPYTPAANSMETLGFYPWKPTIASPYRYYFCVDRDLSVTYENQEGTIEHNVMGTP
KGMNSQFFTIENTQQITLLRTGDEFATGTYYFDTNPVKLTHTWQTNRQLGQPPLLSTFPEADTDAGTLTAQGSRHGATQM
EVNWVSEAIRTRPAQVGFCQPHNDFEASRAGPFAAPKVPADVTQGMDREANGSVRYSYGKQHGENWAAHGPAPERYTWDE
TNFGSGRDTRDGFIQSAPLVVPPPLNGILTNANPIGTKNDIHFSNVFNSYGPLTTFSHPSPVYPQGQIWDKELDLEHKPR
LHITAPFVCKNNAPGQMLVRLGPNLTDQYDPNGATLSRIVTYGTFFWKGKLTMRAKLRANTTWNPVYQVSVEDNGNSYMS
VTKWLPTATGNMQSVPLITRPVARNTY
;
A
2 'polydeoxyribonucleotide' (DC)(DC)(DA)(DC)(DC)(DC)(DC)(DA)(DA)(DC)(DA) B
3 'polydeoxyribonucleotide' (DC)(DA)(DA)(DA) C
4 'polydeoxyribonucleotide' (DA) D
#
# COMPACT_ATOMS: atom_id res chain seq x y z
N GLY A 39 26.60 32.41 13.36
CA GLY A 39 25.26 31.96 12.85
C GLY A 39 25.44 30.96 11.73
N VAL A 40 25.59 31.49 10.53
CA VAL A 40 25.80 30.68 9.35
C VAL A 40 27.27 30.34 9.18
N GLY A 41 27.55 29.13 8.74
CA GLY A 41 28.92 28.71 8.53
C GLY A 41 29.08 27.21 8.73
N VAL A 42 28.68 26.74 9.91
CA VAL A 42 28.80 25.35 10.25
C VAL A 42 27.55 24.56 9.87
N SER A 43 27.75 23.27 9.62
CA SER A 43 26.65 22.39 9.27
C SER A 43 25.85 22.03 10.51
N THR A 44 24.83 21.20 10.31
CA THR A 44 23.97 20.80 11.42
C THR A 44 23.81 19.29 11.46
N GLY A 45 23.97 18.65 10.32
CA GLY A 45 23.79 17.22 10.27
C GLY A 45 24.81 16.52 9.38
N SER A 46 24.64 15.21 9.32
CA SER A 46 25.50 14.34 8.54
C SER A 46 24.78 13.86 7.29
N TYR A 47 25.02 12.61 6.95
CA TYR A 47 24.38 11.98 5.81
C TYR A 47 24.58 10.49 5.87
N ASP A 48 23.54 9.79 6.29
CA ASP A 48 23.58 8.35 6.42
C ASP A 48 22.47 7.68 5.65
N ASN A 49 22.83 7.05 4.55
CA ASN A 49 21.91 6.28 3.73
C ASN A 49 22.43 4.85 3.69
N GLN A 50 22.97 4.51 4.82
CA GLN A 50 23.57 3.20 5.09
C GLN A 50 22.53 2.24 5.64
N THR A 51 22.90 0.99 5.57
CA THR A 51 22.12 -0.12 6.09
C THR A 51 23.04 -0.99 6.92
N HIS A 52 22.84 -0.88 8.21
CA HIS A 52 23.67 -1.59 9.18
C HIS A 52 22.99 -2.85 9.67
N TYR A 53 23.81 -3.87 9.72
CA TYR A 53 23.41 -5.20 10.16
C TYR A 53 24.17 -5.54 11.43
N ARG A 54 23.48 -6.26 12.25
CA ARG A 54 24.01 -6.73 13.52
C ARG A 54 23.51 -8.14 13.76
N PHE A 55 24.47 -9.03 13.88
CA PHE A 55 24.19 -10.43 14.09
C PHE A 55 24.32 -10.76 15.56
N LEU A 56 23.17 -10.74 16.18
CA LEU A 56 23.03 -11.05 17.59
C LEU A 56 23.09 -12.55 17.81
N GLY A 57 22.86 -12.94 19.04
CA GLY A 57 22.89 -14.33 19.45
C GLY A 57 21.52 -14.97 19.30
N ASP A 58 21.51 -16.06 18.57
CA ASP A 58 20.29 -16.83 18.32
C ASP A 58 19.53 -16.29 17.12
N GLY A 59 20.24 -16.19 16.04
CA GLY A 59 19.69 -15.71 14.78
C GLY A 59 18.78 -14.50 14.99
N TRP A 60 19.13 -13.68 15.95
CA TRP A 60 18.36 -12.45 16.18
C TRP A 60 19.17 -11.27 15.67
N VAL A 61 18.88 -10.98 14.43
CA VAL A 61 19.49 -9.90 13.68
C VAL A 61 18.80 -8.60 14.00
N GLU A 62 19.55 -7.54 13.87
CA GLU A 62 19.05 -6.19 14.06
C GLU A 62 19.47 -5.35 12.88
N ILE A 63 18.46 -4.94 12.16
CA ILE A 63 18.61 -4.16 10.95
C ILE A 63 18.23 -2.70 11.21
N THR A 64 19.26 -1.87 11.13
CA THR A 64 19.14 -0.42 11.32
C THR A 64 19.41 0.27 10.00
N ALA A 65 18.33 0.74 9.43
CA ALA A 65 18.37 1.43 8.15
C ALA A 65 18.33 2.94 8.35
N LEU A 66 19.07 3.60 7.51
CA LEU A 66 19.18 5.05 7.51
C LEU A 66 19.02 5.57 6.10
N ALA A 67 18.79 6.86 6.03
CA ALA A 67 18.60 7.56 4.78
C ALA A 67 18.49 9.05 5.02
N THR A 68 19.28 9.77 4.26
CA THR A 68 19.30 11.22 4.32
C THR A 68 18.99 11.79 2.95
N ARG A 69 17.72 11.99 2.75
CA ARG A 69 17.20 12.55 1.51
C ARG A 69 17.17 14.07 1.61
N LEU A 70 17.61 14.73 0.53
CA LEU A 70 17.61 16.21 0.43
C LEU A 70 16.35 16.65 -0.26
N VAL A 71 15.70 17.56 0.39
CA VAL A 71 14.39 17.95 -0.04
C VAL A 71 14.28 19.42 -0.40
N HIS A 72 13.43 19.60 -1.39
CA HIS A 72 13.10 20.88 -2.00
C HIS A 72 11.64 21.16 -1.70
N LEU A 73 11.43 22.34 -1.18
CA LEU A 73 10.11 22.80 -0.82
C LEU A 73 9.94 24.24 -1.24
N ASN A 74 8.94 24.43 -2.07
CA ASN A 74 8.61 25.75 -2.62
C ASN A 74 7.59 26.44 -1.72
N MET A 75 7.19 27.60 -2.20
CA MET A 75 6.25 28.48 -1.51
C MET A 75 4.81 28.12 -1.81
N PRO A 76 3.95 27.95 -0.80
CA PRO A 76 2.55 27.65 -1.05
C PRO A 76 1.93 28.76 -1.82
N LYS A 77 1.08 28.40 -2.76
CA LYS A 77 0.38 29.38 -3.59
C LYS A 77 -0.45 30.29 -2.69
N SER A 78 -1.12 29.64 -1.76
CA SER A 78 -1.97 30.32 -0.79
C SER A 78 -1.48 30.10 0.63
N GLU A 79 -1.70 31.13 1.40
CA GLU A 79 -1.35 31.16 2.82
C GLU A 79 -2.64 31.26 3.59
N ASN A 80 -3.57 30.60 2.96
CA ASN A 80 -4.94 30.45 3.39
C ASN A 80 -5.26 28.99 3.51
N TYR A 81 -6.38 28.75 4.11
CA TYR A 81 -6.91 27.41 4.21
C TYR A 81 -8.11 27.38 3.32
N CYS A 82 -8.16 26.40 2.47
CA CYS A 82 -9.24 26.33 1.53
C CYS A 82 -10.00 25.02 1.67
N ARG A 83 -11.29 25.18 1.55
CA ARG A 83 -12.22 24.06 1.53
C ARG A 83 -12.66 23.89 0.09
N ILE A 84 -11.92 23.07 -0.60
CA ILE A 84 -12.16 22.82 -2.01
C ILE A 84 -12.89 21.51 -2.23
N ARG A 85 -13.72 21.56 -3.26
CA ARG A 85 -14.54 20.44 -3.68
C ARG A 85 -14.28 20.15 -5.15
N VAL A 86 -14.53 18.90 -5.48
CA VAL A 86 -14.39 18.37 -6.83
C VAL A 86 -15.61 17.52 -7.15
N HIS A 87 -16.18 17.77 -8.30
CA HIS A 87 -17.38 17.09 -8.78
C HIS A 87 -17.31 16.88 -10.27
N ASN A 88 -16.55 15.89 -10.67
CA ASN A 88 -16.35 15.61 -12.10
C ASN A 88 -17.64 15.17 -12.77
N THR A 89 -18.35 16.14 -13.32
CA THR A 89 -19.60 15.93 -14.07
C THR A 89 -19.26 15.84 -15.56
N THR A 90 -18.40 14.89 -15.83
CA THR A 90 -17.91 14.62 -17.19
C THR A 90 -17.56 13.14 -17.28
N ASP A 91 -17.72 12.50 -16.16
CA ASP A 91 -17.49 11.07 -15.97
C ASP A 91 -18.53 10.57 -14.98
N THR A 92 -19.31 11.54 -14.56
CA THR A 92 -20.38 11.37 -13.57
C THR A 92 -21.75 11.44 -14.23
N SER A 93 -21.78 12.10 -15.38
CA SER A 93 -23.01 12.27 -16.16
C SER A 93 -22.94 11.40 -17.42
N VAL A 94 -22.88 10.11 -17.18
CA VAL A 94 -22.78 9.12 -18.26
C VAL A 94 -23.92 8.11 -18.16
N LYS A 95 -23.74 7.09 -17.33
CA LYS A 95 -24.76 6.06 -17.13
C LYS A 95 -24.15 4.73 -16.69
N GLY A 96 -22.89 4.58 -17.01
CA GLY A 96 -22.12 3.37 -16.67
C GLY A 96 -20.94 3.76 -15.80
N ASN A 97 -20.52 4.98 -16.00
CA ASN A 97 -19.37 5.57 -15.31
C ASN A 97 -19.75 5.93 -13.87
N MET A 98 -19.73 4.92 -13.05
CA MET A 98 -20.01 5.03 -11.62
C MET A 98 -18.72 4.84 -10.85
N ALA A 99 -17.99 3.85 -11.32
CA ALA A 99 -16.68 3.50 -10.78
C ALA A 99 -15.66 4.52 -11.25
N LYS A 100 -16.16 5.73 -11.43
CA LYS A 100 -15.36 6.87 -11.89
C LYS A 100 -15.71 8.13 -11.09
N ASP A 101 -16.49 7.94 -10.05
CA ASP A 101 -16.89 9.04 -9.17
C ASP A 101 -15.67 9.52 -8.38
N ASP A 102 -15.31 10.77 -8.63
CA ASP A 102 -14.14 11.40 -8.00
C ASP A 102 -14.53 12.71 -7.31
N ALA A 103 -15.76 12.75 -6.86
CA ALA A 103 -16.30 13.93 -6.18
C ALA A 103 -16.14 13.80 -4.67
N HIS A 104 -15.27 14.64 -4.15
CA HIS A 104 -14.95 14.69 -2.72
C HIS A 104 -14.70 16.15 -2.31
N GLU A 105 -15.08 16.45 -1.09
CA GLU A 105 -14.90 17.78 -0.51
C GLU A 105 -13.64 17.77 0.35
N GLN A 106 -12.60 18.30 -0.25
CA GLN A 106 -11.26 18.34 0.34
C GLN A 106 -10.94 19.72 0.93
N ILE A 107 -9.90 19.70 1.74
CA ILE A 107 -9.37 20.88 2.43
C ILE A 107 -7.85 20.91 2.26
N TRP A 108 -7.40 22.01 1.71
CA TRP A 108 -5.97 22.25 1.42
C TRP A 108 -5.33 23.03 2.57
N THR A 109 -4.12 22.62 2.89
CA THR A 109 -3.33 23.24 3.97
C THR A 109 -2.04 23.80 3.39
N PRO A 110 -1.68 25.04 3.73
CA PRO A 110 -0.46 25.64 3.21
C PRO A 110 0.75 24.85 3.61
N TRP A 111 0.51 23.90 4.49
CA TRP A 111 1.56 23.03 5.04
C TRP A 111 1.87 21.86 4.10
N SER A 112 3.16 21.67 3.91
CA SER A 112 3.71 20.58 3.09
C SER A 112 4.18 19.45 4.01
N LEU A 113 3.65 18.26 3.77
CA LEU A 113 3.94 17.08 4.57
C LEU A 113 5.19 16.34 4.07
N VAL A 114 5.64 15.44 4.94
CA VAL A 114 6.82 14.59 4.70
C VAL A 114 6.54 13.17 5.17
N ASP A 115 6.49 12.27 4.21
CA ASP A 115 6.22 10.86 4.45
C ASP A 115 7.41 10.01 4.00
N ALA A 116 7.69 9.01 4.80
CA ALA A 116 8.79 8.08 4.54
C ALA A 116 8.34 6.67 4.90
N ASN A 117 7.03 6.51 4.93
CA ASN A 117 6.39 5.24 5.25
C ASN A 117 6.31 4.37 4.02
N ALA A 118 7.47 4.02 3.58
CA ALA A 118 7.64 3.18 2.41
C ALA A 118 8.82 2.27 2.63
N TRP A 119 8.90 1.31 1.77
CA TRP A 119 9.94 0.30 1.82
C TRP A 119 11.14 0.73 1.00
N GLY A 120 10.85 1.22 -0.16
CA GLY A 120 11.86 1.62 -1.13
C GLY A 120 12.83 2.67 -0.60
N VAL A 121 12.34 3.46 0.32
CA VAL A 121 13.13 4.56 0.91
C VAL A 121 14.09 4.05 1.97
N TRP A 122 13.75 2.91 2.50
CA TRP A 122 14.49 2.31 3.62
C TRP A 122 15.42 1.18 3.22
N LEU A 123 15.25 0.67 2.01
CA LEU A 123 16.07 -0.45 1.58
C LEU A 123 16.43 -0.36 0.10
N GLN A 124 17.41 -1.18 -0.22
CA GLN A 124 17.94 -1.32 -1.58
C GLN A 124 17.53 -2.67 -2.15
N PRO A 125 17.75 -2.88 -3.45
CA PRO A 125 17.42 -4.13 -4.07
C PRO A 125 18.18 -5.27 -3.42
N SER A 126 19.44 -5.00 -3.12
CA SER A 126 20.33 -6.01 -2.49
C SER A 126 19.84 -6.38 -1.10
N ASP A 127 19.85 -5.40 -0.24
CA ASP A 127 19.43 -5.55 1.17
C ASP A 127 18.20 -6.46 1.26
N TRP A 128 17.13 -6.02 0.63
CA TRP A 128 15.85 -6.75 0.60
C TRP A 128 16.11 -8.22 0.29
N GLN A 129 16.90 -8.41 -0.75
CA GLN A 129 17.28 -9.75 -1.23
C GLN A 129 17.92 -10.56 -0.11
N TYR A 130 18.82 -9.89 0.57
CA TYR A 130 19.55 -10.47 1.69
C TYR A 130 18.59 -10.75 2.85
N ILE A 131 17.62 -9.87 2.94
CA ILE A 131 16.59 -9.91 3.99
C ILE A 131 15.56 -11.01 3.70
N CYS A 132 14.71 -10.71 2.76
CA CYS A 132 13.62 -11.60 2.34
C CYS A 132 14.12 -12.98 1.96
N ASN A 133 15.31 -13.00 1.42
CA ASN A 133 15.95 -14.22 0.93
C ASN A 133 16.54 -15.10 2.04
N THR A 134 16.90 -14.47 3.14
CA THR A 134 17.55 -15.18 4.25
C THR A 134 16.64 -15.29 5.48
N MET A 135 16.27 -14.15 6.01
CA MET A 135 15.43 -14.05 7.22
C MET A 135 14.06 -14.68 7.00
N SER A 136 13.57 -15.26 8.08
CA SER A 136 12.26 -15.91 8.13
C SER A 136 11.16 -14.84 8.23
N GLN A 137 11.06 -14.31 9.42
CA GLN A 137 10.10 -13.24 9.73
C GLN A 137 10.84 -11.91 9.85
N LEU A 138 10.11 -10.91 10.28
CA LEU A 138 10.65 -9.55 10.45
C LEU A 138 9.65 -8.69 11.22
N ASN A 139 10.18 -7.67 11.87
CA ASN A 139 9.39 -6.74 12.68
C ASN A 139 9.77 -5.29 12.34
N LEU A 140 9.36 -4.43 13.23
CA LEU A 140 9.59 -2.98 13.14
C LEU A 140 9.78 -2.40 14.54
N VAL A 141 10.93 -1.80 14.74
CA VAL A 141 11.29 -1.22 16.05
C VAL A 141 11.11 0.28 16.09
N SER A 142 12.25 0.96 16.13
CA SER A 142 12.31 2.42 16.26
C SER A 142 12.24 3.12 14.92
N LEU A 143 12.18 4.44 15.04
CA LEU A 143 12.11 5.38 13.92
C LEU A 143 12.45 6.77 14.44
N ASP A 144 13.61 7.25 14.02
CA ASP A 144 14.12 8.56 14.43
C ASP A 144 14.41 9.42 13.20
N GLN A 145 13.54 10.40 13.02
CA GLN A 145 13.65 11.36 11.92
C GLN A 145 14.48 12.56 12.39
N GLU A 146 15.15 13.18 11.42
CA GLU A 146 16.02 14.33 11.68
C GLU A 146 16.14 15.19 10.43
N ILE A 147 16.32 16.47 10.70
CA ILE A 147 16.47 17.50 9.66
C ILE A 147 17.62 18.42 10.04
N PHE A 148 18.31 18.88 9.01
CA PHE A 148 19.47 19.76 9.20
C PHE A 148 19.88 20.43 7.90
N ASN A 149 20.91 21.24 8.03
CA ASN A 149 21.51 22.01 6.93
C ASN A 149 20.41 22.62 6.08
N VAL A 150 19.66 23.47 6.73
CA VAL A 150 18.56 24.20 6.09
C VAL A 150 19.10 25.37 5.29
N VAL A 151 18.67 25.39 4.05
CA VAL A 151 19.04 26.43 3.10
C VAL A 151 17.79 27.15 2.62
N LEU A 152 17.88 28.46 2.65
CA LEU A 152 16.79 29.34 2.22
C LEU A 152 17.34 30.42 1.29
N LYS A 153 16.77 30.49 0.10
CA LYS A 153 17.18 31.44 -0.93
C LYS A 153 15.97 32.15 -1.54
N THR A 154 16.27 33.29 -2.15
CA THR A 154 15.29 34.15 -2.82
C THR A 154 15.72 34.39 -4.26
N VAL A 155 14.75 34.63 -5.11
CA VAL A 155 14.98 34.85 -6.54
C VAL A 155 14.39 36.17 -7.00
N THR A 156 15.19 36.95 -7.71
CA THR A 156 14.74 38.23 -8.21
C THR A 156 14.73 38.27 -9.71
N GLU A 157 13.56 38.04 -10.31
CA GLU A 157 13.42 38.06 -11.75
C GLU A 157 13.95 39.37 -12.31
N GLN A 158 15.13 39.31 -12.88
CA GLN A 158 15.80 40.47 -13.44
C GLN A 158 16.32 40.20 -14.84
N ASP A 159 16.62 41.26 -15.57
CA ASP A 159 17.17 41.12 -16.91
C ASP A 159 16.22 41.63 -17.99
N SER A 160 15.72 42.84 -17.82
CA SER A 160 14.86 43.43 -18.83
C SER A 160 15.72 44.21 -19.81
N GLY A 161 16.91 44.54 -19.34
CA GLY A 161 17.89 45.22 -20.17
C GLY A 161 18.68 44.17 -20.93
N GLY A 162 18.00 43.05 -21.19
CA GLY A 162 18.57 41.93 -21.91
C GLY A 162 17.50 40.92 -22.33
N GLN A 163 17.79 39.63 -22.16
CA GLN A 163 16.88 38.55 -22.55
C GLN A 163 15.95 38.14 -21.41
N ALA A 164 16.51 37.97 -20.22
CA ALA A 164 15.74 37.56 -19.05
C ALA A 164 16.54 36.61 -18.16
N ILE A 165 16.84 37.03 -16.95
CA ILE A 165 17.61 36.21 -16.03
C ILE A 165 17.12 36.32 -14.60
N LYS A 166 17.03 35.17 -13.93
CA LYS A 166 16.59 35.13 -12.55
C LYS A 166 17.77 34.90 -11.61
N ILE A 167 18.19 35.95 -10.93
CA ILE A 167 19.30 35.85 -10.00
C ILE A 167 18.86 35.17 -8.70
N TYR A 168 19.74 34.35 -8.17
CA TYR A 168 19.48 33.60 -6.93
C TYR A 168 20.49 33.97 -5.83
N ASN A 169 19.95 34.44 -4.72
CA ASN A 169 20.75 34.80 -3.52
C ASN A 169 20.02 34.30 -2.27
N ASN A 170 20.74 34.32 -1.16
CA ASN A 170 20.24 33.81 0.12
C ASN A 170 19.65 34.90 1.03
N ASP A 171 18.87 34.40 1.96
CA ASP A 171 18.17 35.18 2.99
C ASP A 171 18.42 34.50 4.35
N LEU A 172 19.60 34.78 4.86
CA LEU A 172 20.11 34.19 6.12
C LEU A 172 19.29 34.61 7.35
N THR A 173 18.09 35.08 7.11
CA THR A 173 17.22 35.51 8.22
C THR A 173 15.86 34.83 8.12
N ALA A 174 15.70 34.14 7.02
CA ALA A 174 14.45 33.44 6.72
C ALA A 174 14.23 32.27 7.65
N CYS A 175 12.47 31.85 7.40
CA CYS A 175 12.12 30.69 8.23
C CYS A 175 11.51 29.59 7.37
N MET A 176 11.25 28.45 8.26
CA MET A 176 10.78 27.18 7.72
C MET A 176 10.08 26.39 8.80
N MET A 177 8.87 26.80 9.06
CA MET A 177 8.05 26.18 10.10
C MET A 177 7.98 24.68 9.97
N VAL A 178 8.32 24.02 11.06
CA VAL A 178 8.27 22.58 11.13
C VAL A 178 7.31 22.15 12.22
N ALA A 179 6.30 21.39 11.85
CA ALA A 179 5.31 20.94 12.81
C ALA A 179 5.22 19.43 12.85
N VAL A 180 5.50 18.85 14.01
CA VAL A 180 5.44 17.42 14.17
C VAL A 180 4.21 17.01 14.95
N ASP A 181 3.16 16.61 14.26
CA ASP A 181 1.93 16.21 14.90
C ASP A 181 1.94 14.75 15.31
N SER A 182 2.31 14.49 16.55
CA SER A 182 2.30 13.14 17.08
C SER A 182 1.00 12.92 17.81
N ASN A 183 0.57 13.93 18.54
CA ASN A 183 -0.70 13.85 19.23
C ASN A 183 -1.74 13.35 18.26
N ASN A 184 -1.26 12.97 17.09
CA ASN A 184 -2.11 12.49 16.03
C ASN A 184 -3.50 13.07 16.14
N ILE A 185 -3.55 14.39 16.17
CA ILE A 185 -4.81 15.12 16.24
C ILE A 185 -5.44 15.22 14.87
N LEU A 186 -4.61 15.56 13.90
CA LEU A 186 -5.06 15.67 12.52
C LEU A 186 -5.27 14.30 11.93
N PRO A 187 -5.88 14.22 10.75
CA PRO A 187 -6.10 12.94 10.09
C PRO A 187 -4.77 12.31 9.78
N TYR A 188 -4.84 11.10 9.26
CA TYR A 188 -3.65 10.32 8.88
C TYR A 188 -3.68 10.09 7.36
N THR A 189 -2.82 10.82 6.69
CA THR A 189 -2.75 10.78 5.21
C THR A 189 -1.48 10.07 4.73
N PRO A 190 -1.43 8.74 4.73
CA PRO A 190 -0.27 8.05 4.23
C PRO A 190 -0.09 8.38 2.77
N ALA A 191 0.81 9.31 2.53
CA ALA A 191 1.12 9.82 1.19
C ALA A 191 1.44 8.69 0.21
N ALA A 192 1.91 7.59 0.77
CA ALA A 192 2.25 6.39 -0.02
C ALA A 192 0.99 5.90 -0.72
N ASN A 193 -0.10 6.49 -0.29
CA ASN A 193 -1.44 6.23 -0.79
C ASN A 193 -1.53 6.62 -2.26
N SER A 194 -1.29 7.91 -2.47
CA SER A 194 -1.32 8.52 -3.81
C SER A 194 0.08 8.63 -4.37
N MET A 195 0.88 7.65 -4.02
CA MET A 195 2.27 7.54 -4.46
C MET A 195 2.98 8.90 -4.39
N GLU A 196 2.87 9.49 -3.22
CA GLU A 196 3.48 10.79 -2.93
C GLU A 196 4.38 10.68 -1.70
N THR A 197 5.53 10.08 -1.91
CA THR A 197 6.51 9.85 -0.85
C THR A 197 7.83 10.55 -1.16
N LEU A 198 8.87 10.01 -0.56
CA LEU A 198 10.24 10.53 -0.70
C LEU A 198 11.04 9.63 -1.64
N GLY A 199 11.86 10.29 -2.44
CA GLY A 199 12.72 9.64 -3.44
C GLY A 199 13.29 8.34 -2.88
N PHE A 200 13.49 7.41 -3.80
CA PHE A 200 14.03 6.09 -3.50
C PHE A 200 15.54 6.07 -3.77
N TYR A 201 15.91 6.91 -4.73
CA TYR A 201 17.30 7.07 -5.15
C TYR A 201 17.93 8.11 -4.22
N PRO A 202 18.71 7.65 -3.23
CA PRO A 202 19.29 8.51 -2.21
C PRO A 202 20.19 9.60 -2.74
N TRP A 203 20.47 9.58 -4.02
CA TRP A 203 21.37 10.61 -4.60
C TRP A 203 20.62 11.45 -5.63
N LYS A 204 19.33 11.56 -5.39
CA LYS A 204 18.43 12.33 -6.27
C LYS A 204 17.50 13.19 -5.41
N PRO A 205 17.56 14.52 -5.50
CA PRO A 205 16.71 15.37 -4.71
C PRO A 205 15.25 15.09 -5.01
N THR A 206 14.48 14.97 -3.94
CA THR A 206 13.04 14.69 -4.02
C THR A 206 12.24 15.87 -3.44
N ILE A 207 10.94 15.66 -3.33
CA ILE A 207 10.01 16.68 -2.81
C ILE A 207 9.00 16.07 -1.85
N ALA A 208 8.36 16.97 -1.12
CA ALA A 208 7.34 16.62 -0.12
C ALA A 208 5.98 16.49 -0.77
N SER A 209 4.97 16.41 0.07
CA SER A 209 3.58 16.29 -0.35
C SER A 209 2.70 17.29 0.40
N PRO A 210 2.06 18.23 -0.29
CA PRO A 210 1.22 19.20 0.37
C PRO A 210 0.13 18.48 1.11
N TYR A 211 0.02 18.81 2.38
CA TYR A 211 -0.97 18.20 3.28
C TYR A 211 -2.37 18.68 3.02
N ARG A 212 -3.24 17.72 2.82
CA ARG A 212 -4.64 17.94 2.58
C ARG A 212 -5.43 16.86 3.27
N TYR A 213 -6.58 17.20 3.83
CA TYR A 213 -7.37 16.19 4.51
C TYR A 213 -8.84 16.26 4.13
N TYR A 214 -9.52 15.16 4.39
CA TYR A 214 -10.93 15.00 4.05
C TYR A 214 -11.86 15.82 4.92
N PHE A 215 -12.98 16.23 4.31
CA PHE A 215 -14.01 17.02 4.96
C PHE A 215 -15.42 16.48 4.62
N CYS A 216 -16.34 16.56 5.61
CA CYS A 216 -17.71 16.03 5.47
C CYS A 216 -18.61 16.86 4.57
N VAL A 217 -19.21 16.11 3.68
CA VAL A 217 -20.06 16.58 2.63
C VAL A 217 -21.40 15.85 2.63
N ASP A 218 -21.51 14.84 1.76
CA ASP A 218 -22.71 14.02 1.60
C ASP A 218 -23.07 13.88 0.12
N ARG A 219 -23.30 12.66 -0.32
CA ARG A 219 -23.63 12.41 -1.73
C ARG A 219 -24.71 11.35 -1.91
N ASP A 220 -25.19 11.31 -3.14
CA ASP A 220 -26.24 10.38 -3.59
C ASP A 220 -26.16 10.21 -5.10
N LEU A 221 -25.73 9.02 -5.49
CA LEU A 221 -25.59 8.64 -6.90
C LEU A 221 -26.25 7.29 -7.13
N SER A 222 -27.03 7.23 -8.19
CA SER A 222 -27.79 6.02 -8.56
C SER A 222 -27.07 5.20 -9.62
N VAL A 223 -27.36 3.91 -9.62
CA VAL A 223 -26.77 3.00 -10.58
C VAL A 223 -27.35 3.21 -11.96
N THR A 224 -26.71 2.62 -12.95
CA THR A 224 -27.15 2.74 -14.34
C THR A 224 -26.21 2.00 -15.25
N TYR A 225 -26.74 1.35 -16.28
CA TYR A 225 -25.89 0.59 -17.18
C TYR A 225 -25.78 1.22 -18.57
N GLU A 226 -24.56 1.17 -19.08
CA GLU A 226 -24.21 1.68 -20.40
C GLU A 226 -25.13 2.79 -20.88
N ASN A 227 -26.17 2.42 -21.61
CA ASN A 227 -27.08 3.39 -22.19
C ASN A 227 -28.37 3.58 -21.38
N GLN A 228 -28.85 2.52 -20.75
CA GLN A 228 -30.07 2.62 -19.97
C GLN A 228 -30.93 3.77 -20.46
N GLU A 229 -32.19 3.79 -20.05
CA GLU A 229 -33.11 4.84 -20.46
C GLU A 229 -33.32 5.86 -19.35
N GLY A 230 -34.20 6.83 -19.62
CA GLY A 230 -34.51 7.86 -18.65
C GLY A 230 -33.27 8.62 -18.20
N THR A 231 -33.29 9.11 -16.96
CA THR A 231 -32.17 9.86 -16.44
C THR A 231 -31.65 9.28 -15.14
N ILE A 232 -30.66 9.96 -14.58
CA ILE A 232 -30.02 9.55 -13.35
C ILE A 232 -30.79 10.06 -12.14
N GLU A 233 -31.45 11.19 -12.31
CA GLU A 233 -32.24 11.77 -11.24
C GLU A 233 -31.45 12.83 -10.47
N HIS A 234 -30.59 12.41 -9.56
CA HIS A 234 -29.82 13.37 -8.78
C HIS A 234 -28.36 13.01 -8.62
N ASN A 235 -27.54 14.05 -8.72
CA ASN A 235 -26.10 13.98 -8.55
C ASN A 235 -25.69 15.13 -7.65
N VAL A 236 -26.04 15.01 -6.37
CA VAL A 236 -25.83 16.10 -5.44
C VAL A 236 -24.62 15.92 -4.51
N MET A 237 -24.05 17.06 -4.21
CA MET A 237 -22.90 17.18 -3.31
C MET A 237 -23.37 17.01 -1.88
N GLY A 238 -23.14 18.05 -1.10
CA GLY A 238 -23.54 18.06 0.31
C GLY A 238 -22.97 19.29 1.02
N THR A 239 -23.89 20.10 1.49
CA THR A 239 -23.57 21.33 2.22
C THR A 239 -22.95 20.97 3.56
N PRO A 240 -22.51 21.95 4.36
CA PRO A 240 -21.91 21.67 5.64
C PRO A 240 -22.88 20.93 6.52
N LYS A 241 -22.47 19.74 6.92
CA LYS A 241 -23.27 18.86 7.80
C LYS A 241 -22.97 19.19 9.26
N GLY A 242 -23.04 20.48 9.54
CA GLY A 242 -22.79 21.03 10.87
C GLY A 242 -22.99 19.98 11.95
N MET A 243 -22.41 18.82 11.70
CA MET A 243 -22.48 17.69 12.62
C MET A 243 -21.23 16.82 12.49
N ASN A 244 -20.80 16.66 11.27
CA ASN A 244 -19.63 15.84 10.94
C ASN A 244 -18.44 16.73 10.58
N SER A 245 -18.70 18.03 10.57
CA SER A 245 -17.67 19.03 10.27
C SER A 245 -16.50 18.86 11.22
N GLN A 246 -15.30 18.97 10.67
CA GLN A 246 -14.07 18.79 11.44
C GLN A 246 -12.89 19.58 10.82
N PHE A 247 -12.93 20.89 11.02
CA PHE A 247 -11.91 21.82 10.49
C PHE A 247 -10.80 22.03 11.52
N PHE A 248 -9.60 21.67 11.10
CA PHE A 248 -8.40 21.78 11.93
C PHE A 248 -7.48 22.87 11.39
N THR A 249 -6.49 23.19 12.21
CA THR A 249 -5.49 24.21 11.90
C THR A 249 -4.18 23.89 12.62
N ILE A 250 -3.19 23.57 11.81
CA ILE A 250 -1.86 23.23 12.29
C ILE A 250 -1.33 24.33 13.22
N GLU A 251 -1.62 25.54 12.80
CA GLU A 251 -1.21 26.74 13.55
C GLU A 251 -2.15 26.98 14.71
N ASN A 252 -2.67 25.89 15.24
CA ASN A 252 -3.63 25.93 16.35
C ASN A 252 -3.51 24.70 17.26
N THR A 253 -3.25 23.57 16.64
CA THR A 253 -3.19 22.29 17.35
C THR A 253 -1.77 21.81 17.60
N GLN A 254 -0.90 22.07 16.65
CA GLN A 254 0.50 21.61 16.74
C GLN A 254 1.46 22.78 16.80
N GLN A 255 2.51 22.54 17.58
CA GLN A 255 3.60 23.49 17.79
C GLN A 255 4.43 23.60 16.52
N ILE A 256 5.02 24.75 16.36
CA ILE A 256 5.86 25.05 15.20
C ILE A 256 7.23 25.54 15.65
N THR A 257 8.23 24.85 15.14
CA THR A 257 9.63 25.15 15.44
C THR A 257 10.26 25.90 14.27
N LEU A 258 10.21 27.21 14.39
CA LEU A 258 10.74 28.12 13.37
C LEU A 258 12.24 27.87 13.20
N LEU A 259 12.53 27.12 12.16
CA LEU A 259 13.89 26.74 11.80
C LEU A 259 14.52 27.74 10.86
N ARG A 260 15.74 28.16 11.17
CA ARG A 260 16.46 29.09 10.33
C ARG A 260 17.43 28.36 9.45
N THR A 261 18.69 28.75 9.53
CA THR A 261 19.73 28.12 8.76
C THR A 261 20.60 27.25 9.65
N GLY A 262 21.02 27.80 10.77
CA GLY A 262 21.83 27.07 11.71
C GLY A 262 20.97 26.34 12.72
N ASP A 263 19.76 26.00 12.33
CA ASP A 263 18.85 25.31 13.22
C ASP A 263 18.64 23.86 12.83
N GLU A 264 18.62 23.02 13.83
CA GLU A 264 18.43 21.60 13.65
C GLU A 264 17.18 21.10 14.34
N PHE A 265 16.28 20.50 13.58
CA PHE A 265 15.09 19.94 14.18
C PHE A 265 15.18 18.42 14.15
N ALA A 266 14.92 17.77 15.27
CA ALA A 266 15.00 16.32 15.33
C ALA A 266 14.00 15.74 16.31
N THR A 267 13.42 14.61 15.96
CA THR A 267 12.46 13.95 16.82
C THR A 267 13.14 12.92 17.71
N GLY A 268 12.35 12.32 18.59
CA GLY A 268 12.85 11.30 19.48
C GLY A 268 12.70 9.94 18.83
N THR A 269 13.22 8.91 19.47
CA THR A 269 13.13 7.56 18.93
C THR A 269 11.76 6.96 19.20
N TYR A 270 10.92 6.90 18.17
CA TYR A 270 9.58 6.35 18.30
C TYR A 270 9.61 4.82 18.29
N TYR A 271 9.25 4.23 19.42
CA TYR A 271 9.22 2.77 19.54
C TYR A 271 7.87 2.23 19.06
N PHE A 272 7.94 1.15 18.31
CA PHE A 272 6.77 0.52 17.72
C PHE A 272 6.29 -0.65 18.55
N ASP A 273 4.99 -0.83 18.50
CA ASP A 273 4.28 -1.91 19.20
C ASP A 273 3.34 -2.61 18.23
N THR A 274 3.95 -3.20 17.24
CA THR A 274 3.25 -3.95 16.19
C THR A 274 3.68 -5.41 16.19
N ASN A 275 2.84 -6.21 15.55
CA ASN A 275 3.03 -7.66 15.43
C ASN A 275 4.02 -7.98 14.31
N PRO A 276 4.83 -9.03 14.47
CA PRO A 276 5.80 -9.40 13.45
C PRO A 276 5.13 -9.74 12.15
N VAL A 277 5.98 -9.92 11.14
CA VAL A 277 5.57 -10.30 9.78
C VAL A 277 6.41 -11.48 9.30
N LYS A 278 5.71 -12.47 8.78
CA LYS A 278 6.33 -13.71 8.30
C LYS A 278 6.76 -13.59 6.84
N LEU A 279 8.04 -13.81 6.64
CA LEU A 279 8.67 -13.75 5.30
C LEU A 279 8.62 -15.13 4.64
N THR A 280 7.60 -15.86 5.00
CA THR A 280 7.35 -17.22 4.48
C THR A 280 5.96 -17.30 3.87
N HIS A 281 5.87 -18.09 2.82
CA HIS A 281 4.61 -18.30 2.09
C HIS A 281 4.16 -19.75 2.26
N THR A 282 2.85 -19.92 2.24
CA THR A 282 2.20 -21.22 2.42
C THR A 282 1.66 -21.74 1.09
N TRP A 283 1.01 -22.89 1.17
CA TRP A 283 0.43 -23.56 0.01
C TRP A 283 -0.43 -24.76 0.41
N GLN A 284 -0.70 -24.88 1.68
CA GLN A 284 -1.48 -26.00 2.18
C GLN A 284 -2.97 -25.66 2.17
N THR A 285 -3.58 -26.10 1.09
CA THR A 285 -5.00 -25.93 0.82
C THR A 285 -5.78 -26.71 1.89
N ASN A 286 -6.91 -27.23 1.47
CA ASN A 286 -7.76 -28.03 2.35
C ASN A 286 -7.61 -29.49 2.00
N ARG A 287 -7.11 -29.68 0.81
CA ARG A 287 -6.85 -30.98 0.24
C ARG A 287 -5.42 -31.39 0.52
N GLN A 288 -4.80 -30.61 1.38
CA GLN A 288 -3.41 -30.80 1.73
C GLN A 288 -3.22 -30.43 3.20
N LEU A 289 -4.02 -31.10 4.00
CA LEU A 289 -4.04 -30.91 5.46
C LEU A 289 -4.57 -32.18 6.14
N GLY A 290 -3.66 -33.01 6.57
CA GLY A 290 -3.98 -34.25 7.27
C GLY A 290 -3.28 -35.45 6.65
N GLN A 291 -3.78 -36.60 7.05
CA GLN A 291 -3.26 -37.91 6.62
C GLN A 291 -3.75 -38.23 5.21
N PRO A 292 -2.87 -38.29 4.21
CA PRO A 292 -3.28 -38.61 2.86
C PRO A 292 -3.91 -39.97 2.85
N PRO A 293 -4.73 -40.33 1.85
CA PRO A 293 -5.37 -41.63 1.82
C PRO A 293 -4.33 -42.72 1.83
N LEU A 294 -4.75 -43.88 2.28
CA LEU A 294 -3.88 -45.07 2.39
C LEU A 294 -3.73 -45.73 1.02
N LEU A 295 -2.49 -45.87 0.62
CA LEU A 295 -2.12 -46.47 -0.67
C LEU A 295 -2.02 -47.99 -0.52
N SER A 296 -2.96 -48.65 -1.15
CA SER A 296 -3.05 -50.12 -1.15
C SER A 296 -2.29 -50.69 -2.34
N THR A 297 -2.05 -49.81 -3.30
CA THR A 297 -1.33 -50.13 -4.53
C THR A 297 -0.32 -49.03 -4.84
N PHE A 298 0.90 -49.46 -5.06
CA PHE A 298 2.02 -48.55 -5.36
C PHE A 298 2.53 -48.77 -6.77
N PRO A 299 3.04 -47.73 -7.44
CA PRO A 299 3.56 -47.88 -8.78
C PRO A 299 4.66 -48.91 -8.76
N GLU A 300 5.02 -49.35 -9.95
CA GLU A 300 6.07 -50.38 -10.10
C GLU A 300 7.27 -49.82 -10.87
N ALA A 301 7.15 -48.56 -11.21
CA ALA A 301 8.21 -47.86 -11.95
C ALA A 301 7.64 -46.62 -12.63
N ASP A 302 8.33 -45.52 -12.41
CA ASP A 302 7.96 -44.22 -12.98
C ASP A 302 7.04 -44.44 -14.17
N THR A 303 5.84 -43.95 -14.02
CA THR A 303 4.79 -44.07 -15.05
C THR A 303 3.83 -45.19 -14.65
N ASP A 304 3.14 -44.93 -13.56
CA ASP A 304 2.17 -45.86 -13.00
C ASP A 304 1.91 -45.50 -11.53
N ALA A 305 0.94 -44.63 -11.36
CA ALA A 305 0.52 -44.15 -10.04
C ALA A 305 -0.24 -45.23 -9.29
N GLY A 306 -0.44 -44.96 -8.01
CA GLY A 306 -1.14 -45.86 -7.10
C GLY A 306 -2.64 -45.56 -7.11
N THR A 307 -3.36 -46.40 -6.40
CA THR A 307 -4.82 -46.30 -6.29
C THR A 307 -5.27 -46.66 -4.87
N LEU A 308 -6.21 -45.85 -4.39
CA LEU A 308 -6.79 -46.02 -3.06
C LEU A 308 -7.86 -47.12 -3.12
N THR A 309 -8.68 -47.21 -2.08
CA THR A 309 -9.71 -48.26 -2.00
C THR A 309 -11.13 -47.68 -1.95
N ALA A 310 -12.01 -48.49 -2.53
CA ALA A 310 -13.47 -48.23 -2.66
C ALA A 310 -13.93 -47.11 -1.74
N GLN A 311 -14.29 -46.03 -2.39
CA GLN A 311 -14.75 -44.78 -1.75
C GLN A 311 -15.75 -45.08 -0.65
N GLY A 312 -16.87 -45.71 -1.03
CA GLY A 312 -17.92 -46.05 -0.09
C GLY A 312 -17.57 -47.31 0.69
N SER A 313 -16.28 -47.49 0.92
CA SER A 313 -15.77 -48.64 1.66
C SER A 313 -14.53 -48.21 2.41
N ARG A 314 -14.16 -46.96 2.16
CA ARG A 314 -13.00 -46.31 2.76
C ARG A 314 -13.29 -45.81 4.15
N HIS A 315 -12.39 -46.05 5.09
CA HIS A 315 -12.57 -45.55 6.44
C HIS A 315 -12.27 -44.06 6.49
N GLY A 316 -12.90 -43.36 7.41
CA GLY A 316 -12.71 -41.92 7.55
C GLY A 316 -14.02 -41.24 7.93
N ALA A 317 -13.93 -39.93 8.05
CA ALA A 317 -15.07 -39.10 8.42
C ALA A 317 -15.45 -38.17 7.26
N THR A 318 -16.60 -37.58 7.44
CA THR A 318 -17.17 -36.64 6.47
C THR A 318 -18.35 -35.93 7.12
N GLN A 319 -18.66 -34.78 6.56
CA GLN A 319 -19.75 -33.93 7.04
C GLN A 319 -20.90 -33.94 6.04
N MET A 320 -20.84 -34.91 5.15
CA MET A 320 -21.84 -35.05 4.09
C MET A 320 -22.53 -36.40 4.42
N GLU A 321 -23.82 -36.49 4.18
CA GLU A 321 -24.61 -37.67 4.57
C GLU A 321 -24.45 -38.89 3.62
N VAL A 322 -23.45 -38.86 2.78
CA VAL A 322 -23.23 -39.96 1.82
C VAL A 322 -22.39 -41.08 2.46
N ASN A 323 -22.18 -42.11 1.67
CA ASN A 323 -21.41 -43.31 2.07
C ASN A 323 -20.21 -43.52 1.16
N TRP A 324 -19.23 -42.65 1.31
CA TRP A 324 -18.00 -42.71 0.52
C TRP A 324 -17.22 -41.40 0.66
N VAL A 325 -16.12 -41.53 1.36
CA VAL A 325 -15.23 -40.41 1.66
C VAL A 325 -14.35 -40.07 0.46
N SER A 326 -14.31 -38.79 0.20
CA SER A 326 -13.53 -38.21 -0.89
C SER A 326 -12.54 -37.19 -0.32
N GLU A 327 -11.67 -36.74 -1.18
CA GLU A 327 -10.63 -35.77 -0.82
C GLU A 327 -11.22 -34.36 -0.82
N ALA A 328 -12.50 -34.30 -1.12
CA ALA A 328 -13.24 -33.02 -1.18
C ALA A 328 -14.33 -32.98 -0.12
N ILE A 329 -14.83 -34.15 0.20
CA ILE A 329 -15.90 -34.32 1.19
C ILE A 329 -15.31 -34.33 2.59
N ARG A 330 -14.30 -35.17 2.72
CA ARG A 330 -13.54 -35.37 3.96
C ARG A 330 -13.43 -34.08 4.75
N THR A 331 -13.62 -34.24 6.28
CA THR A 331 -13.63 -33.18 7.29
C THR A 331 -12.21 -32.74 7.62
N ARG A 332 -12.03 -31.52 7.41
CA ARG A 332 -10.81 -30.89 7.74
C ARG A 332 -10.89 -29.94 8.90
N PRO A 333 -9.70 -29.46 9.29
CA PRO A 333 -9.57 -28.53 10.38
C PRO A 333 -10.30 -27.21 10.17
N ALA A 334 -10.14 -26.59 9.00
CA ALA A 334 -10.81 -25.32 8.78
C ALA A 334 -11.07 -25.03 7.31
N GLN A 335 -11.41 -23.77 7.03
CA GLN A 335 -11.71 -23.30 5.70
C GLN A 335 -10.61 -22.42 5.15
N VAL A 336 -9.70 -23.00 4.39
CA VAL A 336 -8.59 -22.24 3.82
C VAL A 336 -9.10 -21.16 2.87
N GLY A 337 -8.78 -19.92 3.17
CA GLY A 337 -9.21 -18.80 2.35
C GLY A 337 -10.73 -18.74 2.29
N PHE A 338 -11.27 -17.59 1.90
CA PHE A 338 -12.72 -17.45 1.82
C PHE A 338 -13.14 -16.82 0.49
N CYS A 339 -14.36 -17.14 0.07
CA CYS A 339 -14.89 -16.63 -1.19
C CYS A 339 -15.52 -15.26 -1.03
N GLN A 340 -14.77 -14.23 -1.37
CA GLN A 340 -15.27 -12.88 -1.26
C GLN A 340 -15.92 -12.42 -2.55
N PRO A 341 -17.02 -11.65 -2.46
CA PRO A 341 -17.68 -11.11 -3.64
C PRO A 341 -16.75 -10.16 -4.35
N HIS A 342 -16.41 -10.46 -5.60
CA HIS A 342 -15.46 -9.63 -6.32
C HIS A 342 -16.14 -8.59 -7.21
N ASN A 343 -15.61 -7.37 -7.11
CA ASN A 343 -16.09 -6.25 -7.90
C ASN A 343 -17.37 -5.64 -7.34
N ASP A 344 -17.53 -5.75 -6.03
CA ASP A 344 -18.69 -5.18 -5.37
C ASP A 344 -18.83 -3.75 -5.72
N PHE A 345 -19.19 -3.48 -5.13
CA PHE A 345 -19.41 -2.11 -5.26
C PHE A 345 -20.51 -1.66 -4.29
N GLU A 346 -20.11 -1.16 -3.13
CA GLU A 346 -21.07 -0.74 -2.10
C GLU A 346 -21.33 0.77 -2.15
N ALA A 347 -22.18 1.27 -1.23
CA ALA A 347 -22.53 2.68 -1.19
C ALA A 347 -22.78 3.19 0.23
N SER A 348 -22.97 4.50 0.35
CA SER A 348 -23.23 5.15 1.63
C SER A 348 -23.52 6.64 1.44
N ARG A 349 -22.87 7.50 2.23
CA ARG A 349 -23.06 8.94 2.12
C ARG A 349 -22.16 9.54 0.95
N ALA A 350 -20.84 9.33 0.84
CA ALA A 350 -20.14 9.77 -0.45
C ALA A 350 -20.43 8.64 -1.39
N GLY A 351 -21.30 7.80 -0.97
CA GLY A 351 -21.70 6.66 -1.76
C GLY A 351 -20.50 5.78 -2.09
N PRO A 352 -20.30 5.44 -3.35
CA PRO A 352 -19.28 4.50 -3.77
C PRO A 352 -17.80 4.80 -3.51
N PHE A 353 -18.33 2.84 -3.43
CA PHE A 353 -16.91 2.44 -3.26
C PHE A 353 -16.72 0.95 -3.29
N ALA A 354 -15.80 0.58 -4.13
CA ALA A 354 -15.39 -0.80 -4.24
C ALA A 354 -15.20 -1.29 -2.83
N ALA A 355 -15.27 -2.57 -2.65
CA ALA A 355 -15.06 -3.18 -1.33
C ALA A 355 -13.85 -4.10 -1.43
N PRO A 356 -12.81 -3.87 -0.62
CA PRO A 356 -11.53 -4.57 -0.75
C PRO A 356 -11.66 -5.99 -0.60
N LYS A 357 -10.51 -6.51 -0.72
CA LYS A 357 -10.26 -7.88 -0.67
C LYS A 357 -9.01 -8.08 0.12
N VAL A 358 -9.04 -9.18 0.79
CA VAL A 358 -7.90 -9.64 1.49
C VAL A 358 -7.19 -10.54 0.47
N PRO A 359 -5.90 -10.32 0.22
CA PRO A 359 -5.16 -11.00 -0.86
C PRO A 359 -5.18 -12.51 -0.79
N ALA A 360 -5.18 -13.10 -1.98
CA ALA A 360 -5.16 -14.54 -2.18
C ALA A 360 -4.81 -14.87 -3.62
N ASP A 361 -3.93 -15.84 -3.81
CA ASP A 361 -3.49 -16.23 -5.13
C ASP A 361 -4.53 -15.96 -6.20
N VAL A 362 -4.16 -16.21 -7.46
CA VAL A 362 -5.05 -15.98 -8.59
C VAL A 362 -5.22 -17.27 -9.43
N THR A 363 -5.54 -18.34 -8.73
CA THR A 363 -5.76 -19.68 -9.31
C THR A 363 -5.29 -19.77 -10.76
N GLN A 364 -5.14 -21.01 -11.17
CA GLN A 364 -4.69 -21.39 -12.52
C GLN A 364 -5.58 -20.79 -13.60
N GLY A 365 -6.49 -19.96 -13.14
CA GLY A 365 -7.45 -19.27 -14.02
C GLY A 365 -7.25 -17.76 -13.96
N MET A 366 -6.35 -17.38 -13.09
CA MET A 366 -5.99 -15.97 -12.89
C MET A 366 -7.25 -15.10 -12.79
N ASP A 367 -7.95 -15.28 -11.68
CA ASP A 367 -9.17 -14.51 -11.38
C ASP A 367 -8.77 -13.08 -11.02
N ARG A 368 -7.46 -12.95 -11.03
CA ARG A 368 -6.70 -11.71 -10.76
C ARG A 368 -7.52 -10.54 -10.20
N GLU A 369 -8.82 -10.58 -10.38
CA GLU A 369 -9.66 -9.46 -9.89
C GLU A 369 -10.41 -9.86 -8.63
N ALA A 370 -10.61 -11.16 -8.49
CA ALA A 370 -11.26 -11.72 -7.31
C ALA A 370 -10.25 -11.76 -6.18
N ASN A 371 -9.46 -12.82 -6.21
CA ASN A 371 -8.36 -12.95 -5.25
C ASN A 371 -7.58 -11.63 -5.18
N GLY A 372 -8.44 -10.63 -5.10
CA GLY A 372 -8.10 -9.20 -5.05
C GLY A 372 -6.60 -8.92 -5.09
N SER A 373 -6.01 -9.22 -6.23
CA SER A 373 -4.58 -8.91 -6.44
C SER A 373 -4.46 -7.39 -6.62
N VAL A 374 -4.06 -6.76 -6.45
CA VAL A 374 -3.88 -5.30 -6.40
C VAL A 374 -3.54 -4.71 -7.75
N ARG A 375 -2.79 -3.49 -7.02
CA ARG A 375 -2.40 -2.87 -8.31
C ARG A 375 -1.79 -1.50 -8.02
N TYR A 376 -0.63 -1.27 -8.61
CA TYR A 376 0.13 -0.03 -8.38
C TYR A 376 0.44 0.70 -9.70
N SER A 377 0.68 1.99 -9.51
CA SER A 377 1.03 2.94 -10.60
C SER A 377 1.91 4.04 -10.01
N TYR A 378 3.18 3.99 -10.36
CA TYR A 378 4.20 4.92 -9.85
C TYR A 378 4.89 5.66 -10.97
N GLY A 379 5.51 6.75 -10.57
CA GLY A 379 6.24 7.65 -11.46
C GLY A 379 7.71 7.72 -11.07
N LYS A 380 8.50 7.89 -12.11
CA LYS A 380 9.96 7.98 -12.04
C LYS A 380 10.47 8.00 -10.59
N GLN A 381 10.06 9.01 -9.86
CA GLN A 381 10.48 9.22 -8.47
C GLN A 381 10.00 8.09 -7.55
N HIS A 382 9.82 6.93 -8.14
CA HIS A 382 9.38 5.73 -7.42
C HIS A 382 9.35 4.53 -8.35
N GLY A 383 10.13 4.65 -9.41
CA GLY A 383 10.25 3.61 -10.44
C GLY A 383 10.30 4.24 -11.82
N GLU A 384 9.61 3.58 -12.73
CA GLU A 384 9.52 4.00 -14.14
C GLU A 384 10.92 4.03 -14.74
N ASN A 385 10.96 3.78 -16.03
CA ASN A 385 12.21 3.75 -16.79
C ASN A 385 12.83 5.14 -16.83
N TRP A 386 13.03 5.61 -15.64
CA TRP A 386 13.66 6.88 -15.33
C TRP A 386 14.18 7.58 -16.59
N ALA A 387 13.65 7.17 -17.74
CA ALA A 387 14.05 7.74 -19.03
C ALA A 387 12.95 7.53 -20.06
N ALA A 388 11.74 7.50 -19.57
CA ALA A 388 10.54 7.29 -20.40
C ALA A 388 9.89 8.64 -20.73
N HIS A 389 8.81 8.54 -21.46
CA HIS A 389 8.04 9.71 -21.90
C HIS A 389 6.55 9.46 -21.74
N GLY A 390 5.79 10.51 -22.02
CA GLY A 390 4.34 10.49 -21.94
C GLY A 390 3.88 10.44 -20.48
N PRO A 391 3.12 11.42 -20.00
CA PRO A 391 2.66 11.41 -18.62
C PRO A 391 1.84 10.18 -18.37
N ALA A 392 2.44 9.04 -18.64
CA ALA A 392 1.80 7.73 -18.48
C ALA A 392 2.42 6.94 -17.33
N PRO A 393 1.70 6.72 -16.21
CA PRO A 393 2.23 5.96 -15.10
C PRO A 393 2.61 4.56 -15.51
N GLU A 394 3.04 3.80 -14.52
CA GLU A 394 3.44 2.38 -14.68
C GLU A 394 3.26 1.64 -13.34
N ARG A 395 2.74 0.43 -13.43
CA ARG A 395 2.47 -0.40 -12.25
C ARG A 395 2.97 -1.84 -12.46
N TYR A 396 2.57 -2.67 -11.50
CA TYR A 396 2.92 -4.09 -11.46
C TYR A 396 1.95 -4.84 -10.55
N THR A 397 0.93 -5.40 -11.18
CA THR A 397 -0.11 -6.16 -10.50
C THR A 397 0.50 -7.22 -9.60
N TRP A 398 0.30 -7.03 -8.31
CA TRP A 398 0.82 -7.94 -7.28
C TRP A 398 -0.12 -9.11 -7.09
N ASP A 399 0.46 -10.29 -7.27
CA ASP A 399 -0.27 -11.56 -7.13
C ASP A 399 0.35 -12.38 -6.01
N GLU A 400 -0.25 -12.27 -4.86
CA GLU A 400 0.16 -12.92 -3.61
C GLU A 400 0.71 -14.28 -3.96
N THR A 401 1.40 -14.84 -2.96
CA THR A 401 2.02 -16.16 -3.03
C THR A 401 1.23 -17.14 -2.17
N ASN A 402 0.59 -16.57 -1.18
CA ASN A 402 -0.25 -17.31 -0.22
C ASN A 402 -1.22 -18.21 -0.97
N PHE A 403 -0.68 -18.92 -1.92
CA PHE A 403 -1.43 -19.85 -2.75
C PHE A 403 -2.45 -20.61 -1.90
N GLY A 404 -2.44 -21.91 -2.10
CA GLY A 404 -3.31 -22.86 -1.40
C GLY A 404 -4.41 -22.15 -0.61
N SER A 405 -4.38 -20.83 -0.67
CA SER A 405 -5.34 -19.99 0.03
C SER A 405 -6.40 -19.46 -0.94
N GLY A 406 -5.89 -18.99 -2.06
CA GLY A 406 -6.72 -18.41 -3.14
C GLY A 406 -7.89 -19.32 -3.45
N ARG A 407 -8.78 -18.80 -4.27
CA ARG A 407 -9.99 -19.50 -4.70
C ARG A 407 -10.27 -19.24 -6.18
N ASP A 408 -10.46 -20.34 -6.88
CA ASP A 408 -10.76 -20.32 -8.32
C ASP A 408 -12.27 -20.17 -8.51
N THR A 409 -12.62 -19.21 -9.33
CA THR A 409 -14.02 -18.88 -9.63
C THR A 409 -14.52 -19.60 -10.87
N ARG A 410 -13.70 -20.51 -11.35
CA ARG A 410 -14.02 -21.29 -12.55
C ARG A 410 -14.21 -22.74 -12.20
N ASP A 411 -14.75 -22.94 -11.02
CA ASP A 411 -15.01 -24.28 -10.51
C ASP A 411 -16.00 -24.22 -9.36
N GLY A 412 -16.60 -23.06 -9.20
CA GLY A 412 -17.61 -22.87 -8.17
C GLY A 412 -18.26 -24.22 -7.99
N PHE A 413 -19.45 -24.27 -7.44
CA PHE A 413 -20.08 -25.58 -7.29
C PHE A 413 -20.82 -25.68 -5.94
N ILE A 414 -22.08 -26.05 -6.07
CA ILE A 414 -22.99 -26.20 -4.91
C ILE A 414 -24.13 -27.18 -5.26
N GLN A 415 -24.21 -28.21 -4.42
CA GLN A 415 -25.21 -29.28 -4.54
C GLN A 415 -26.39 -29.00 -3.59
N SER A 416 -27.35 -29.91 -3.61
CA SER A 416 -28.57 -29.80 -2.79
C SER A 416 -28.64 -30.89 -1.71
N ALA A 417 -29.78 -30.88 -1.05
CA ALA A 417 -30.10 -31.81 0.06
C ALA A 417 -29.34 -33.12 -0.09
N PRO A 418 -30.01 -34.24 -0.39
CA PRO A 418 -29.33 -35.51 -0.54
C PRO A 418 -28.27 -35.35 -1.60
N LEU A 419 -27.11 -35.01 -1.11
CA LEU A 419 -25.91 -34.70 -1.91
C LEU A 419 -25.65 -35.66 -3.05
N VAL A 420 -26.69 -36.07 -3.74
CA VAL A 420 -26.53 -36.97 -4.88
C VAL A 420 -25.31 -36.48 -5.70
N VAL A 421 -24.30 -37.33 -5.75
CA VAL A 421 -23.06 -37.02 -6.48
C VAL A 421 -23.38 -36.72 -7.93
N PRO A 422 -23.82 -37.69 -8.74
CA PRO A 422 -24.17 -37.40 -10.11
C PRO A 422 -25.23 -36.35 -10.06
N PRO A 423 -24.87 -35.12 -9.67
CA PRO A 423 -25.82 -34.05 -9.46
C PRO A 423 -26.60 -33.71 -10.69
N PRO A 424 -27.95 -33.80 -10.68
CA PRO A 424 -28.74 -33.37 -11.80
C PRO A 424 -28.41 -31.93 -12.03
N LEU A 425 -29.19 -31.28 -12.86
CA LEU A 425 -28.96 -29.87 -13.18
C LEU A 425 -29.74 -28.96 -12.25
N ASN A 426 -30.99 -29.30 -12.07
CA ASN A 426 -31.90 -28.55 -11.20
C ASN A 426 -31.54 -28.77 -9.74
N GLY A 427 -30.38 -29.39 -9.55
CA GLY A 427 -29.86 -29.70 -8.22
C GLY A 427 -28.43 -29.19 -8.06
N ILE A 428 -28.14 -28.14 -8.80
CA ILE A 428 -26.81 -27.51 -8.77
C ILE A 428 -26.88 -26.05 -9.19
N LEU A 429 -25.79 -25.38 -8.89
CA LEU A 429 -25.59 -23.97 -9.20
C LEU A 429 -24.10 -23.73 -9.48
N THR A 430 -23.78 -23.75 -10.75
CA THR A 430 -22.40 -23.58 -11.21
C THR A 430 -22.10 -22.11 -11.50
N ASN A 431 -20.97 -21.90 -12.14
CA ASN A 431 -20.44 -20.57 -12.47
C ASN A 431 -21.16 -19.92 -13.65
N ALA A 432 -21.90 -20.72 -14.39
CA ALA A 432 -22.60 -20.24 -15.60
C ALA A 432 -24.08 -19.93 -15.33
N ASN A 433 -24.57 -20.40 -14.21
CA ASN A 433 -25.99 -20.24 -13.84
C ASN A 433 -26.27 -18.80 -13.45
N PRO A 434 -27.08 -18.11 -14.27
CA PRO A 434 -27.39 -16.71 -14.06
C PRO A 434 -28.04 -16.50 -12.74
N ILE A 435 -27.97 -15.25 -12.33
CA ILE A 435 -28.54 -14.77 -11.05
C ILE A 435 -28.94 -13.31 -11.18
N GLY A 436 -30.22 -13.08 -10.98
CA GLY A 436 -30.81 -11.74 -11.04
C GLY A 436 -31.43 -11.50 -12.42
N THR A 437 -31.16 -12.45 -13.28
CA THR A 437 -31.66 -12.43 -14.66
C THR A 437 -30.58 -11.89 -15.60
N LYS A 438 -29.43 -11.62 -15.00
CA LYS A 438 -28.25 -11.11 -15.71
C LYS A 438 -27.36 -12.29 -16.08
N ASN A 439 -26.99 -12.30 -17.34
CA ASN A 439 -26.17 -13.35 -17.94
C ASN A 439 -24.82 -13.51 -17.25
N ASP A 440 -23.92 -12.61 -17.60
CA ASP A 440 -22.52 -12.63 -17.10
C ASP A 440 -22.44 -12.29 -15.61
N ILE A 441 -23.60 -12.24 -14.97
CA ILE A 441 -23.69 -11.97 -13.54
C ILE A 441 -23.98 -13.29 -12.82
N HIS A 442 -22.96 -13.79 -12.16
CA HIS A 442 -23.01 -15.09 -11.46
C HIS A 442 -23.24 -14.91 -9.96
N PHE A 443 -23.17 -16.04 -9.28
CA PHE A 443 -23.41 -16.15 -7.84
C PHE A 443 -22.12 -16.02 -7.03
N SER A 444 -21.01 -16.19 -7.71
CA SER A 444 -19.70 -16.07 -7.09
C SER A 444 -19.40 -14.61 -6.79
N ASN A 445 -20.18 -13.78 -7.45
CA ASN A 445 -20.08 -12.33 -7.34
C ASN A 445 -20.76 -11.82 -6.08
N VAL A 446 -21.54 -12.70 -5.47
CA VAL A 446 -22.28 -12.36 -4.25
C VAL A 446 -21.87 -13.23 -3.06
N PHE A 447 -21.45 -14.44 -3.37
CA PHE A 447 -21.04 -15.40 -2.33
C PHE A 447 -20.17 -14.71 -1.29
N ASN A 448 -20.14 -15.32 -0.13
CA ASN A 448 -19.37 -14.86 1.03
C ASN A 448 -19.28 -15.97 2.07
N SER A 449 -18.16 -16.67 2.00
CA SER A 449 -17.87 -17.79 2.90
C SER A 449 -16.78 -17.42 3.90
N TYR A 450 -17.22 -16.74 4.94
CA TYR A 450 -16.35 -16.29 6.03
C TYR A 450 -16.92 -16.80 7.35
N GLY A 451 -16.89 -18.11 7.48
CA GLY A 451 -17.39 -18.83 8.64
C GLY A 451 -16.38 -18.82 9.78
N PRO A 452 -16.81 -19.05 11.02
CA PRO A 452 -15.91 -19.06 12.16
C PRO A 452 -14.84 -20.10 12.00
N LEU A 453 -14.78 -20.66 10.80
CA LEU A 453 -13.81 -21.70 10.45
C LEU A 453 -12.93 -21.24 9.29
N THR A 454 -12.57 -19.97 9.34
CA THR A 454 -11.77 -19.36 8.28
C THR A 454 -10.43 -18.87 8.81
N THR A 455 -9.47 -19.04 7.93
CA THR A 455 -8.09 -18.63 8.16
C THR A 455 -7.56 -18.00 6.88
N PHE A 456 -6.35 -17.49 6.96
CA PHE A 456 -5.69 -16.85 5.83
C PHE A 456 -4.49 -16.04 6.31
N SER A 457 -3.57 -15.85 5.40
CA SER A 457 -2.32 -15.14 5.66
C SER A 457 -2.52 -13.63 5.51
N HIS A 458 -1.68 -12.93 6.24
CA HIS A 458 -1.65 -11.46 6.29
C HIS A 458 -1.08 -10.92 4.99
N PRO A 459 -1.58 -9.78 4.47
CA PRO A 459 -1.04 -9.22 3.26
C PRO A 459 0.42 -8.93 3.44
N SER A 460 1.22 -9.63 2.65
CA SER A 460 2.69 -9.54 2.70
C SER A 460 3.20 -8.20 2.16
N PRO A 461 4.38 -7.75 2.58
CA PRO A 461 4.93 -6.49 2.11
C PRO A 461 5.13 -6.53 0.62
N VAL A 462 5.55 -5.38 0.11
CA VAL A 462 5.83 -5.19 -1.32
C VAL A 462 7.04 -4.26 -1.47
N TYR A 463 8.19 -4.89 -1.53
CA TYR A 463 9.46 -4.18 -1.61
C TYR A 463 9.25 -2.72 -2.00
N PRO A 464 9.61 -2.30 -3.22
CA PRO A 464 9.43 -0.94 -3.62
C PRO A 464 7.97 -0.58 -3.51
N GLN A 465 7.71 0.70 -3.60
CA GLN A 465 6.35 1.23 -3.51
C GLN A 465 5.73 0.86 -2.16
N GLY A 466 5.07 -0.28 -2.18
CA GLY A 466 4.40 -0.85 -1.00
C GLY A 466 4.64 0.03 0.21
N GLN A 467 3.69 -0.04 1.13
CA GLN A 467 3.71 0.73 2.38
C GLN A 467 4.47 -0.05 3.45
N ILE A 468 4.42 0.50 4.65
CA ILE A 468 5.08 -0.09 5.82
C ILE A 468 4.11 -0.22 7.00
N TRP A 469 3.95 0.89 7.71
CA TRP A 469 3.07 0.96 8.88
C TRP A 469 1.88 1.85 8.55
N ASP A 470 0.84 1.70 9.35
CA ASP A 470 -0.38 2.48 9.18
C ASP A 470 -1.19 2.45 10.47
N LYS A 471 -1.59 3.64 10.87
CA LYS A 471 -2.39 3.85 12.08
C LYS A 471 -3.38 2.70 12.24
N GLU A 472 -4.50 3.05 12.82
CA GLU A 472 -5.59 2.09 13.07
C GLU A 472 -6.89 2.85 13.34
N LEU A 473 -7.90 2.45 12.60
CA LEU A 473 -9.24 3.05 12.70
C LEU A 473 -9.72 2.98 14.15
N ASP A 474 -9.97 4.16 14.67
CA ASP A 474 -10.42 4.37 16.05
C ASP A 474 -11.85 3.88 16.24
N LEU A 475 -12.08 2.66 15.79
CA LEU A 475 -13.40 2.04 15.87
C LEU A 475 -13.43 0.98 16.98
N GLU A 476 -14.44 1.10 17.81
CA GLU A 476 -14.68 0.20 18.94
C GLU A 476 -14.22 -1.21 18.57
N HIS A 477 -14.68 -1.62 17.41
CA HIS A 477 -14.32 -2.91 16.80
C HIS A 477 -13.41 -2.59 15.63
N LYS A 478 -12.52 -3.50 15.29
CA LYS A 478 -11.56 -3.20 14.22
C LYS A 478 -11.24 -4.38 13.31
N PRO A 479 -10.74 -4.06 12.12
CA PRO A 479 -10.34 -5.06 11.14
C PRO A 479 -9.26 -5.93 11.72
N ARG A 480 -9.23 -7.16 11.24
CA ARG A 480 -8.26 -8.19 11.68
C ARG A 480 -6.91 -7.74 11.17
N LEU A 481 -7.03 -7.01 10.06
CA LEU A 481 -5.90 -6.48 9.31
C LEU A 481 -6.28 -5.30 8.42
N HIS A 482 -5.22 -4.70 7.92
CA HIS A 482 -5.24 -3.60 6.93
C HIS A 482 -4.45 -4.21 5.69
N ILE A 483 -5.00 -4.04 4.47
CA ILE A 483 -4.45 -4.63 3.17
C ILE A 483 -3.36 -3.75 2.56
N THR A 484 -3.92 -2.31 3.53
CA THR A 484 -2.98 -1.32 2.98
C THR A 484 -1.54 -1.40 3.53
N ALA A 485 -1.26 -2.22 4.55
CA ALA A 485 0.13 -2.30 5.09
C ALA A 485 0.36 -3.52 6.00
N PRO A 486 1.52 -4.20 5.87
CA PRO A 486 1.83 -5.35 6.69
C PRO A 486 1.87 -5.05 8.19
N PHE A 487 2.27 -3.85 8.58
CA PHE A 487 2.32 -3.54 10.00
C PHE A 487 1.36 -2.44 10.39
N VAL A 488 0.64 -2.68 11.47
CA VAL A 488 -0.30 -1.72 11.98
C VAL A 488 -0.04 -1.45 13.45
N CYS A 489 0.53 -0.30 13.75
CA CYS A 489 0.77 0.03 15.14
C CYS A 489 -0.49 -0.27 15.95
N LYS A 490 -0.31 -0.92 17.10
CA LYS A 490 -1.45 -1.28 17.95
C LYS A 490 -1.93 -0.09 18.79
N ASN A 491 -1.00 0.81 19.08
CA ASN A 491 -1.26 2.00 19.86
C ASN A 491 -1.19 3.23 18.99
N ASN A 492 -1.04 4.40 19.58
CA ASN A 492 -0.89 5.59 18.79
C ASN A 492 0.07 5.27 17.66
N ALA A 493 0.39 6.23 16.84
CA ALA A 493 1.31 6.01 15.74
C ALA A 493 2.24 7.18 15.63
N PRO A 494 3.21 7.13 14.72
CA PRO A 494 4.14 8.21 14.56
C PRO A 494 3.41 9.43 14.18
N GLY A 495 3.96 10.52 14.59
CA GLY A 495 3.37 11.74 14.29
C GLY A 495 3.89 12.28 13.03
N GLN A 496 3.05 12.77 12.34
CA GLN A 496 3.33 13.24 11.09
C GLN A 496 4.11 14.50 11.21
N MET A 497 4.91 14.64 10.21
CA MET A 497 5.85 15.69 10.11
C MET A 497 5.52 16.52 8.90
N LEU A 498 5.07 17.70 9.28
CA LEU A 498 4.62 18.78 8.38
C LEU A 498 5.68 19.92 8.33
N VAL A 499 5.99 20.37 7.11
CA VAL A 499 7.03 21.42 6.80
C VAL A 499 6.45 22.51 5.89
N ARG A 500 6.76 23.73 6.23
CA ARG A 500 6.29 24.88 5.45
C ARG A 500 7.30 25.99 5.48
N LEU A 501 7.27 26.72 4.42
CA LEU A 501 8.05 27.91 4.35
C LEU A 501 7.33 28.89 5.23
N GLY A 502 8.09 29.76 5.79
CA GLY A 502 7.56 30.83 6.60
C GLY A 502 7.34 32.01 5.66
N PRO A 503 6.23 32.75 5.80
CA PRO A 503 5.95 33.86 4.92
C PRO A 503 7.02 34.95 5.01
N ASN A 504 7.64 35.22 3.86
CA ASN A 504 8.61 36.31 3.69
C ASN A 504 7.88 37.50 3.06
N LEU A 505 7.86 38.60 3.78
CA LEU A 505 7.11 39.78 3.36
C LEU A 505 7.96 40.84 2.71
N THR A 506 7.20 41.69 2.06
CA THR A 506 7.70 42.84 1.39
C THR A 506 7.42 44.16 2.16
N ASP A 507 7.62 45.30 1.46
CA ASP A 507 7.48 46.68 2.03
C ASP A 507 6.02 47.02 2.22
N GLN A 508 5.17 46.41 1.41
CA GLN A 508 3.74 46.62 1.51
C GLN A 508 3.02 45.35 1.98
N TYR A 509 1.97 45.58 2.80
CA TYR A 509 1.06 44.53 3.34
C TYR A 509 -0.11 45.08 4.23
N ASP A 510 -1.24 45.55 3.62
CA ASP A 510 -2.49 45.97 4.36
C ASP A 510 -3.51 44.84 4.15
N PRO A 511 -3.73 44.02 5.20
CA PRO A 511 -4.46 42.75 5.11
C PRO A 511 -5.83 42.92 4.61
N ASN A 512 -6.22 44.22 4.84
CA ASN A 512 -7.39 44.59 4.05
C ASN A 512 -7.05 44.70 2.58
N GLY A 513 -6.18 43.80 2.14
CA GLY A 513 -5.76 43.74 0.77
C GLY A 513 -6.21 42.42 0.14
N ALA A 514 -7.00 42.51 -0.91
CA ALA A 514 -7.51 41.33 -1.59
C ALA A 514 -6.41 40.29 -1.77
N THR A 515 -5.37 40.66 -2.49
CA THR A 515 -4.24 39.77 -2.72
C THR A 515 -2.99 40.39 -2.14
N LEU A 516 -2.27 39.66 -1.31
CA LEU A 516 -1.10 40.23 -0.69
C LEU A 516 0.20 39.80 -1.34
N SER A 517 1.10 40.77 -1.41
CA SER A 517 2.39 40.59 -2.02
C SER A 517 3.38 39.94 -1.07
N ARG A 518 4.05 38.95 -1.60
CA ARG A 518 5.08 38.24 -0.88
C ARG A 518 6.21 37.95 -1.87
N ILE A 519 7.41 37.86 -1.31
CA ILE A 519 8.63 37.61 -2.04
C ILE A 519 8.76 36.14 -2.40
N VAL A 520 9.22 35.86 -3.61
CA VAL A 520 9.40 34.48 -4.05
C VAL A 520 10.48 33.80 -3.23
N THR A 521 10.07 32.98 -2.29
CA THR A 521 11.01 32.30 -1.42
C THR A 521 10.86 30.79 -1.47
N TYR A 522 12.00 30.11 -1.59
CA TYR A 522 12.04 28.65 -1.63
C TYR A 522 13.27 28.14 -0.79
N GLY A 523 13.35 26.79 -0.55
CA GLY A 523 14.48 26.22 0.28
C GLY A 523 14.73 24.67 0.22
N THR A 524 16.00 24.39 0.62
CA THR A 524 16.62 23.04 0.75
C THR A 524 16.90 22.72 2.21
N PHE A 525 16.40 21.48 2.40
CA PHE A 525 16.97 20.93 3.63
C PHE A 525 17.18 19.43 3.51
N PHE A 526 17.96 19.05 3.41
CA PHE A 526 18.13 17.71 3.97
C PHE A 526 17.14 17.50 5.12
N TRP A 527 17.17 15.73 5.03
CA TRP A 527 16.40 14.85 5.93
C TRP A 527 17.11 13.51 6.04
N LYS A 528 17.13 13.02 7.26
CA LYS A 528 17.77 11.75 7.59
C LYS A 528 16.80 10.89 8.34
N GLY A 529 16.96 9.60 8.16
CA GLY A 529 16.06 8.65 8.79
C GLY A 529 16.79 7.43 9.27
N LYS A 530 16.32 7.16 10.59
CA LYS A 530 16.49 5.96 11.36
C LYS A 530 15.21 5.15 11.54
N LEU A 531 15.30 3.99 10.90
CA LEU A 531 14.29 2.92 10.95
C LEU A 531 15.01 1.64 11.40
N THR A 532 14.52 1.09 12.49
CA THR A 532 15.10 -0.10 13.12
C THR A 532 14.14 -1.28 13.07
N MET A 533 14.70 -2.44 12.75
CA MET A 533 13.93 -3.67 12.66
C MET A 533 14.72 -4.81 13.25
N ARG A 534 14.05 -5.75 13.78
CA ARG A 534 14.74 -6.87 14.32
C ARG A 534 14.06 -8.15 13.82
N ALA A 535 14.88 -9.02 13.23
CA ALA A 535 14.38 -10.27 12.62
C ALA A 535 15.29 -11.47 12.91
N LYS A 536 14.70 -12.62 12.56
CA LYS A 536 15.26 -13.95 12.80
C LYS A 536 15.81 -14.57 11.50
N LEU A 537 16.79 -15.46 11.70
CA LEU A 537 17.46 -16.19 10.61
C LEU A 537 16.78 -17.53 10.39
N ARG A 538 16.29 -17.84 9.21
CA ARG A 538 15.66 -19.07 8.78
C ARG A 538 16.56 -20.29 8.84
N ALA A 539 15.81 -21.34 9.02
CA ALA A 539 16.27 -22.71 9.20
C ALA A 539 16.17 -23.53 7.91
N ASN A 540 16.73 -24.90 8.30
CA ASN A 540 16.66 -25.34 6.90
C ASN A 540 16.20 -26.77 7.10
N THR A 541 14.93 -26.92 7.05
CA THR A 541 14.26 -28.13 7.50
C THR A 541 13.98 -29.15 6.40
N THR A 542 13.92 -28.71 5.18
CA THR A 542 13.64 -29.61 4.06
C THR A 542 14.89 -30.40 3.69
N TRP A 543 14.87 -30.80 2.45
CA TRP A 543 15.97 -31.51 1.80
C TRP A 543 16.24 -30.86 0.48
N ASN A 544 15.14 -30.54 -0.17
CA ASN A 544 15.16 -29.87 -1.45
C ASN A 544 15.47 -28.42 -1.28
N PRO A 545 16.35 -27.89 -2.12
CA PRO A 545 16.70 -26.52 -2.05
C PRO A 545 15.39 -25.86 -2.20
N VAL A 546 15.38 -24.57 -2.21
CA VAL A 546 14.13 -23.91 -2.38
C VAL A 546 14.41 -22.63 -3.13
N TYR A 547 13.33 -22.10 -3.58
CA TYR A 547 13.31 -20.94 -4.43
C TYR A 547 13.79 -19.73 -3.76
N GLN A 548 14.36 -18.95 -4.58
CA GLN A 548 14.89 -17.74 -4.14
C GLN A 548 14.88 -16.75 -5.18
N VAL A 549 15.30 -15.65 -4.70
CA VAL A 549 15.43 -14.53 -5.50
C VAL A 549 16.85 -14.46 -6.03
N SER A 550 16.95 -14.23 -7.31
CA SER A 550 18.23 -14.13 -8.00
C SER A 550 18.12 -13.14 -9.12
N VAL A 551 19.26 -12.88 -9.68
CA VAL A 551 19.39 -11.95 -10.80
C VAL A 551 20.14 -12.63 -11.95
N GLU A 552 19.37 -12.88 -12.93
CA GLU A 552 19.85 -13.57 -14.08
C GLU A 552 20.63 -12.68 -14.99
N ASP A 553 21.22 -13.38 -15.90
CA ASP A 553 21.98 -12.78 -16.94
C ASP A 553 21.16 -11.64 -17.48
N ASN A 554 20.88 -11.32 -18.44
CA ASN A 554 20.30 -10.23 -19.18
C ASN A 554 19.57 -10.75 -20.40
N GLY A 555 18.30 -11.01 -20.19
CA GLY A 555 17.42 -11.50 -21.26
C GLY A 555 16.57 -10.97 -21.77
N ASN A 556 15.52 -11.09 -21.00
CA ASN A 556 14.35 -10.23 -21.08
C ASN A 556 13.46 -10.50 -19.88
N SER A 557 13.90 -11.47 -19.14
CA SER A 557 13.23 -11.92 -17.93
C SER A 557 13.19 -10.81 -16.90
N TYR A 558 12.05 -10.77 -16.26
CA TYR A 558 11.75 -9.84 -15.20
C TYR A 558 12.97 -9.64 -14.31
N MET A 559 13.55 -10.77 -13.94
CA MET A 559 14.72 -10.82 -13.06
C MET A 559 16.00 -10.92 -13.88
N SER A 560 16.49 -9.75 -14.25
CA SER A 560 17.71 -9.61 -15.05
C SER A 560 18.34 -8.23 -14.78
N VAL A 561 19.52 -8.29 -14.21
CA VAL A 561 20.30 -7.10 -13.85
C VAL A 561 19.81 -5.84 -14.58
N THR A 562 20.54 -5.52 -15.63
CA THR A 562 20.27 -4.33 -16.47
C THR A 562 19.06 -3.56 -15.96
N LYS A 563 18.09 -4.32 -15.52
CA LYS A 563 16.84 -3.77 -15.00
C LYS A 563 17.11 -2.80 -13.85
N TRP A 564 18.15 -3.10 -13.11
CA TRP A 564 18.52 -2.34 -11.90
C TRP A 564 19.71 -1.37 -12.19
N LEU A 565 20.89 -1.89 -12.46
CA LEU A 565 22.10 -1.05 -12.73
C LEU A 565 21.74 0.11 -13.69
N PRO A 566 22.33 1.32 -13.56
CA PRO A 566 21.99 2.45 -14.43
C PRO A 566 22.25 2.18 -15.87
N THR A 567 22.20 3.29 -16.61
CA THR A 567 22.36 3.31 -18.08
C THR A 567 23.38 4.37 -18.51
N ALA A 568 23.79 4.24 -19.77
CA ALA A 568 24.74 5.17 -20.39
C ALA A 568 24.63 6.48 -19.65
N THR A 569 23.50 7.13 -19.84
CA THR A 569 23.23 8.33 -19.08
C THR A 569 23.27 7.87 -17.63
N GLY A 570 22.11 7.84 -17.05
CA GLY A 570 21.99 7.39 -15.68
C GLY A 570 20.59 7.42 -15.22
N ASN A 571 19.82 6.58 -15.79
CA ASN A 571 18.46 6.44 -15.33
C ASN A 571 18.45 5.24 -14.39
N MET A 572 17.31 4.95 -13.79
CA MET A 572 17.21 3.84 -12.82
C MET A 572 15.77 3.41 -12.53
N GLN A 573 15.56 2.11 -12.62
CA GLN A 573 14.30 1.44 -12.29
C GLN A 573 14.45 0.77 -10.99
N SER A 574 13.32 0.51 -10.52
CA SER A 574 13.09 -0.22 -9.35
C SER A 574 11.93 -1.07 -9.71
N VAL A 575 12.09 -2.33 -9.51
CA VAL A 575 11.01 -3.22 -9.82
C VAL A 575 10.58 -3.91 -8.55
N PRO A 576 9.30 -3.90 -8.21
CA PRO A 576 8.84 -4.59 -7.04
C PRO A 576 9.17 -6.05 -7.14
N LEU A 577 9.75 -6.56 -6.07
CA LEU A 577 10.19 -7.96 -5.96
C LEU A 577 9.35 -8.72 -4.94
N ILE A 578 9.54 -10.02 -4.98
CA ILE A 578 8.86 -10.99 -4.11
C ILE A 578 9.58 -11.13 -2.78
N THR A 579 8.82 -11.07 -1.71
CA THR A 579 9.35 -11.29 -0.38
C THR A 579 8.47 -12.29 0.34
N ARG A 580 8.97 -13.50 0.35
CA ARG A 580 8.29 -14.62 0.98
C ARG A 580 8.60 -15.90 0.22
N PRO A 581 9.54 -15.89 -0.72
CA PRO A 581 9.86 -17.08 -1.46
C PRO A 581 10.36 -18.18 -0.55
N VAL A 582 9.43 -18.98 -0.05
CA VAL A 582 9.78 -20.12 0.83
C VAL A 582 8.57 -20.62 1.64
N ALA A 583 8.39 -21.92 1.52
CA ALA A 583 7.30 -22.72 2.14
C ALA A 583 7.15 -22.43 3.63
N ARG A 584 6.28 -23.22 4.27
CA ARG A 584 5.98 -23.04 5.70
C ARG A 584 5.04 -24.12 6.27
N ASN A 585 4.92 -25.24 5.58
CA ASN A 585 4.04 -26.33 6.03
C ASN A 585 2.97 -25.77 6.97
N THR A 586 1.85 -25.42 6.36
CA THR A 586 0.69 -24.84 7.06
C THR A 586 0.10 -25.84 8.05
N TYR A 587 -0.33 -26.98 7.53
CA TYR A 587 -0.87 -28.05 8.37
C TYR A 587 -0.10 -29.35 8.19
#